data_4OB8
#
_entry.id   4OB8
#
_cell.length_a   95.633
_cell.length_b   95.633
_cell.length_c   87.806
_cell.angle_alpha   90.000
_cell.angle_beta   90.000
_cell.angle_gamma   90.000
#
_symmetry.space_group_name_H-M   'P 43 21 2'
#
loop_
_entity.id
_entity.type
_entity.pdbx_description
1 polymer 'Alpha/beta hydrolase fold-3 domain protein'
2 non-polymer (4S)-2-METHYL-2,4-PENTANEDIOL
3 non-polymer DI(HYDROXYETHYL)ETHER
4 water water
#
_entity_poly.entity_id   1
_entity_poly.type   'polypeptide(L)'
_entity_poly.pdbx_seq_one_letter_code
;MASMTGGQQMGRGSSGSPGVEQHTQAFLEALEQGGGKPLEQLSPKDARAVLTGAQASVKVDLSGIEVKERTIQANGQSIK
LQVVRPANVKGELPVFMFFHGGGWVLGDFPTHQRLIRDLVVGSGAVAVYVDYTPSPESHYPTAINQAYAATQWVAEHGKE
IGVDGKRLAVAGNSVGGNMAAVVALKAKEAGTPALRFQLLLWPVTDASFETASYKQFADGHFLTTGMMKWFWDNYTTDAK
AREQIYASPLRASSEQLKGLPPALVQTAEFDVLRDEGEAYARKLNAAGVTVTSVRYNGMIHDYGLLNPLSQVPAVKAAMR
QAGTELKVHLQLELEHHHHHH
;
_entity_poly.pdbx_strand_id   A
#
loop_
_chem_comp.id
_chem_comp.type
_chem_comp.name
_chem_comp.formula
MPD non-polymer (4S)-2-METHYL-2,4-PENTANEDIOL 'C6 H14 O2'
PEG non-polymer DI(HYDROXYETHYL)ETHER 'C4 H10 O3'
#
# COMPACT_ATOMS: atom_id res chain seq x y z
N SER A 15 -23.22 -3.97 -7.00
CA SER A 15 -24.07 -5.03 -6.49
C SER A 15 -23.83 -5.33 -5.02
N GLY A 16 -22.58 -5.56 -4.62
CA GLY A 16 -22.26 -5.75 -3.21
C GLY A 16 -22.77 -7.06 -2.60
N SER A 17 -23.01 -7.05 -1.29
CA SER A 17 -23.42 -8.25 -0.55
C SER A 17 -24.09 -7.83 0.76
N PRO A 18 -24.86 -8.75 1.37
CA PRO A 18 -25.34 -8.46 2.74
C PRO A 18 -24.15 -8.21 3.65
N GLY A 19 -24.21 -7.10 4.39
CA GLY A 19 -23.15 -6.81 5.34
C GLY A 19 -22.17 -5.74 4.87
N VAL A 20 -22.25 -5.36 3.59
CA VAL A 20 -21.38 -4.26 3.14
C VAL A 20 -21.85 -2.99 3.83
N GLU A 21 -20.90 -2.18 4.30
CA GLU A 21 -21.23 -0.95 5.02
C GLU A 21 -22.11 -0.05 4.14
N GLN A 22 -23.08 0.64 4.75
CA GLN A 22 -24.14 1.28 3.97
C GLN A 22 -23.67 2.28 2.91
N HIS A 23 -22.71 3.14 3.25
CA HIS A 23 -22.24 4.12 2.28
C HIS A 23 -21.45 3.46 1.17
N THR A 24 -20.67 2.44 1.54
CA THR A 24 -19.91 1.64 0.57
C THR A 24 -20.86 0.94 -0.41
N GLN A 25 -21.95 0.40 0.12
CA GLN A 25 -22.95 -0.28 -0.72
C GLN A 25 -23.58 0.70 -1.72
N ALA A 26 -23.92 1.90 -1.24
CA ALA A 26 -24.46 2.94 -2.12
C ALA A 26 -23.46 3.30 -3.22
N PHE A 27 -22.18 3.38 -2.84
CA PHE A 27 -21.10 3.67 -3.78
C PHE A 27 -20.99 2.61 -4.85
N LEU A 28 -21.04 1.34 -4.45
CA LEU A 28 -20.99 0.23 -5.39
C LEU A 28 -22.17 0.29 -6.37
N GLU A 29 -23.35 0.60 -5.84
CA GLU A 29 -24.56 0.67 -6.68
C GLU A 29 -24.49 1.83 -7.67
N ALA A 30 -23.94 2.96 -7.23
CA ALA A 30 -23.78 4.12 -8.10
C ALA A 30 -22.82 3.81 -9.26
N LEU A 31 -21.75 3.08 -8.96
CA LEU A 31 -20.84 2.63 -10.00
C LEU A 31 -21.50 1.67 -10.98
N GLU A 32 -22.35 0.78 -10.47
CA GLU A 32 -23.04 -0.19 -11.32
C GLU A 32 -23.96 0.51 -12.30
N GLN A 33 -24.68 1.52 -11.82
CA GLN A 33 -25.58 2.30 -12.67
C GLN A 33 -24.81 3.10 -13.72
N GLY A 34 -23.63 3.59 -13.33
CA GLY A 34 -22.82 4.39 -14.22
C GLY A 34 -22.28 3.63 -15.42
N GLY A 35 -22.25 2.30 -15.30
CA GLY A 35 -21.75 1.46 -16.36
C GLY A 35 -20.28 1.74 -16.66
N GLY A 36 -19.88 1.50 -17.91
CA GLY A 36 -18.49 1.69 -18.30
C GLY A 36 -17.78 0.36 -18.44
N LYS A 37 -16.70 0.35 -19.22
CA LYS A 37 -15.98 -0.89 -19.50
C LYS A 37 -15.28 -1.43 -18.27
N PRO A 38 -15.10 -2.76 -18.20
CA PRO A 38 -14.26 -3.33 -17.14
C PRO A 38 -12.88 -2.70 -17.24
N LEU A 39 -12.29 -2.38 -16.09
CA LEU A 39 -11.01 -1.67 -16.07
C LEU A 39 -9.96 -2.38 -16.91
N GLU A 40 -9.96 -3.71 -16.87
CA GLU A 40 -8.90 -4.50 -17.50
C GLU A 40 -9.01 -4.55 -19.02
N GLN A 41 -10.11 -4.02 -19.56
CA GLN A 41 -10.25 -3.88 -21.01
C GLN A 41 -9.78 -2.51 -21.51
N LEU A 42 -9.27 -1.67 -20.61
CA LEU A 42 -8.76 -0.35 -20.99
C LEU A 42 -7.26 -0.36 -21.20
N SER A 43 -6.76 0.58 -22.02
CA SER A 43 -5.32 0.81 -22.10
C SER A 43 -4.85 1.26 -20.73
N PRO A 44 -3.56 1.02 -20.42
CA PRO A 44 -3.02 1.55 -19.15
C PRO A 44 -3.30 3.04 -18.98
N LYS A 45 -3.12 3.82 -20.05
CA LYS A 45 -3.39 5.25 -19.99
C LYS A 45 -4.83 5.55 -19.59
N ASP A 46 -5.79 4.89 -20.24
CA ASP A 46 -7.19 5.13 -19.91
C ASP A 46 -7.56 4.59 -18.53
N ALA A 47 -6.96 3.47 -18.13
CA ALA A 47 -7.20 2.94 -16.79
C ALA A 47 -6.70 3.91 -15.72
N ARG A 48 -5.52 4.50 -15.97
CA ARG A 48 -4.96 5.47 -15.04
C ARG A 48 -5.89 6.68 -14.88
N ALA A 49 -6.49 7.09 -16.00
CA ALA A 49 -7.42 8.22 -15.98
C ALA A 49 -8.68 7.94 -15.16
N VAL A 50 -9.09 6.68 -15.05
CA VAL A 50 -10.28 6.35 -14.27
C VAL A 50 -10.06 6.71 -12.80
N LEU A 51 -8.91 6.32 -12.26
CA LEU A 51 -8.58 6.61 -10.87
C LEU A 51 -8.32 8.09 -10.68
N THR A 52 -7.60 8.70 -11.61
CA THR A 52 -7.33 10.14 -11.52
C THR A 52 -8.63 10.93 -11.45
N GLY A 53 -9.55 10.63 -12.36
CA GLY A 53 -10.81 11.35 -12.42
C GLY A 53 -11.69 11.12 -11.22
N ALA A 54 -11.76 9.88 -10.76
CA ALA A 54 -12.59 9.56 -9.61
C ALA A 54 -12.07 10.21 -8.32
N GLN A 55 -10.74 10.21 -8.15
CA GLN A 55 -10.16 10.81 -6.95
C GLN A 55 -10.36 12.32 -6.94
N ALA A 56 -10.40 12.92 -8.13
CA ALA A 56 -10.53 14.37 -8.25
C ALA A 56 -11.98 14.86 -8.12
N SER A 57 -12.92 13.93 -8.09
CA SER A 57 -14.33 14.31 -8.15
C SER A 57 -14.94 14.59 -6.79
N VAL A 58 -14.10 14.50 -5.75
CA VAL A 58 -14.56 14.54 -4.37
C VAL A 58 -13.81 15.61 -3.60
N LYS A 59 -14.53 16.52 -2.95
CA LYS A 59 -13.85 17.47 -2.05
C LYS A 59 -13.26 16.72 -0.85
N VAL A 60 -11.95 16.86 -0.62
CA VAL A 60 -11.30 16.20 0.52
C VAL A 60 -10.38 17.15 1.27
N ASP A 61 -10.18 16.87 2.56
CA ASP A 61 -9.28 17.68 3.40
C ASP A 61 -7.83 17.24 3.17
N LEU A 62 -7.01 18.15 2.63
CA LEU A 62 -5.58 17.87 2.45
C LEU A 62 -4.70 18.77 3.31
N SER A 63 -5.30 19.43 4.30
CA SER A 63 -4.58 20.40 5.13
C SER A 63 -3.60 19.73 6.09
N GLY A 64 -2.71 20.52 6.67
CA GLY A 64 -1.86 20.03 7.75
C GLY A 64 -0.58 19.35 7.27
N ILE A 65 -0.29 19.46 5.98
CA ILE A 65 0.92 18.88 5.42
C ILE A 65 1.66 19.89 4.57
N GLU A 66 2.96 19.68 4.42
CA GLU A 66 3.73 20.43 3.42
C GLU A 66 4.43 19.42 2.53
N VAL A 67 4.25 19.59 1.22
CA VAL A 67 4.73 18.60 0.25
C VAL A 67 5.89 19.19 -0.53
N LYS A 68 6.99 18.45 -0.60
CA LYS A 68 8.08 18.88 -1.48
C LYS A 68 8.71 17.72 -2.23
N GLU A 69 8.92 17.92 -3.52
CA GLU A 69 9.54 16.91 -4.35
C GLU A 69 11.06 16.90 -4.20
N ARG A 70 11.63 15.72 -4.34
CA ARG A 70 13.06 15.53 -4.23
CA ARG A 70 13.06 15.53 -4.23
C ARG A 70 13.47 14.40 -5.17
N THR A 71 14.47 14.63 -6.01
CA THR A 71 14.97 13.55 -6.86
C THR A 71 16.29 13.07 -6.28
N ILE A 72 16.46 11.75 -6.18
CA ILE A 72 17.67 11.19 -5.60
C ILE A 72 18.39 10.30 -6.60
N GLN A 73 19.69 10.10 -6.38
CA GLN A 73 20.45 9.13 -7.15
C GLN A 73 20.63 7.92 -6.26
N ALA A 74 19.98 6.81 -6.61
CA ALA A 74 20.06 5.59 -5.82
C ALA A 74 20.08 4.38 -6.72
N ASN A 75 20.98 3.46 -6.39
CA ASN A 75 21.20 2.24 -7.15
C ASN A 75 21.11 2.40 -8.68
N GLY A 76 21.91 3.34 -9.19
CA GLY A 76 22.14 3.49 -10.60
C GLY A 76 21.10 4.25 -11.40
N GLN A 77 20.16 4.90 -10.72
CA GLN A 77 19.08 5.60 -11.41
C GLN A 77 18.64 6.85 -10.67
N SER A 78 17.93 7.74 -11.36
CA SER A 78 17.26 8.85 -10.69
C SER A 78 15.89 8.37 -10.23
N ILE A 79 15.56 8.64 -8.98
CA ILE A 79 14.27 8.26 -8.41
C ILE A 79 13.61 9.49 -7.83
N LYS A 80 12.36 9.72 -8.21
CA LYS A 80 11.62 10.89 -7.75
C LYS A 80 10.88 10.56 -6.46
N LEU A 81 10.99 11.44 -5.46
CA LEU A 81 10.28 11.29 -4.19
C LEU A 81 9.30 12.45 -4.00
N GLN A 82 8.25 12.22 -3.22
CA GLN A 82 7.45 13.33 -2.70
C GLN A 82 7.55 13.23 -1.19
N VAL A 83 8.08 14.26 -0.55
CA VAL A 83 8.27 14.25 0.90
C VAL A 83 7.10 15.03 1.52
N VAL A 84 6.34 14.35 2.38
CA VAL A 84 5.11 14.93 2.92
C VAL A 84 5.27 15.07 4.42
N ARG A 85 5.42 16.31 4.88
CA ARG A 85 5.78 16.58 6.27
C ARG A 85 4.60 17.20 7.00
N PRO A 86 4.41 16.84 8.29
CA PRO A 86 3.42 17.57 9.09
C PRO A 86 3.74 19.06 9.08
N ALA A 87 2.74 19.90 8.84
CA ALA A 87 2.96 21.33 8.73
C ALA A 87 3.26 21.97 10.09
N ASN A 88 4.01 23.06 10.06
CA ASN A 88 4.29 23.86 11.26
C ASN A 88 4.99 23.09 12.36
N VAL A 89 5.88 22.17 11.99
CA VAL A 89 6.64 21.40 12.97
C VAL A 89 8.11 21.57 12.68
N LYS A 90 8.89 21.89 13.71
CA LYS A 90 10.32 22.09 13.55
C LYS A 90 11.10 20.87 13.99
N GLY A 91 12.27 20.67 13.37
CA GLY A 91 13.19 19.63 13.79
C GLY A 91 13.10 18.34 13.01
N GLU A 92 14.01 17.42 13.33
CA GLU A 92 14.00 16.10 12.71
C GLU A 92 12.75 15.36 13.15
N LEU A 93 12.13 14.65 12.21
CA LEU A 93 10.96 13.83 12.51
C LEU A 93 11.22 12.42 12.05
N PRO A 94 10.56 11.43 12.68
CA PRO A 94 10.68 10.08 12.15
C PRO A 94 9.93 9.98 10.82
N VAL A 95 10.03 8.84 10.13
CA VAL A 95 9.65 8.82 8.72
C VAL A 95 9.18 7.44 8.30
N PHE A 96 8.16 7.40 7.42
CA PHE A 96 7.77 6.14 6.81
C PHE A 96 7.79 6.26 5.29
N MET A 97 8.34 5.24 4.62
CA MET A 97 8.25 5.18 3.17
C MET A 97 6.80 4.90 2.83
N PHE A 98 6.31 5.46 1.73
CA PHE A 98 4.97 5.17 1.27
C PHE A 98 4.96 4.66 -0.16
N PHE A 99 4.50 3.42 -0.32
CA PHE A 99 4.42 2.78 -1.62
C PHE A 99 2.96 2.70 -2.05
N HIS A 100 2.63 3.35 -3.15
CA HIS A 100 1.24 3.49 -3.58
C HIS A 100 0.68 2.22 -4.22
N GLY A 101 -0.64 2.09 -4.19
CA GLY A 101 -1.31 0.97 -4.83
C GLY A 101 -1.81 1.38 -6.21
N GLY A 102 -2.70 0.58 -6.77
CA GLY A 102 -3.16 0.81 -8.13
C GLY A 102 -2.89 -0.38 -9.04
N GLY A 103 -2.51 -1.51 -8.46
CA GLY A 103 -2.33 -2.72 -9.24
C GLY A 103 -1.12 -2.71 -10.14
N TRP A 104 -0.12 -1.90 -9.78
CA TRP A 104 1.11 -1.68 -10.54
C TRP A 104 0.91 -0.86 -11.82
N VAL A 105 -0.25 -1.02 -12.44
CA VAL A 105 -0.57 -0.30 -13.67
C VAL A 105 -0.97 1.14 -13.35
N LEU A 106 -1.82 1.29 -12.34
CA LEU A 106 -2.40 2.58 -11.99
C LEU A 106 -1.71 3.20 -10.80
N GLY A 107 -2.14 4.41 -10.44
CA GLY A 107 -1.71 5.04 -9.21
C GLY A 107 -0.51 5.94 -9.41
N ASP A 108 -0.33 6.84 -8.44
CA ASP A 108 0.75 7.81 -8.44
C ASP A 108 0.59 8.64 -7.17
N PHE A 109 1.32 9.74 -7.06
CA PHE A 109 1.19 10.57 -5.86
C PHE A 109 -0.16 11.30 -5.71
N PRO A 110 -0.60 12.05 -6.73
CA PRO A 110 -1.82 12.81 -6.46
C PRO A 110 -3.08 11.95 -6.22
N THR A 111 -3.19 10.79 -6.88
CA THR A 111 -4.31 9.89 -6.63
C THR A 111 -4.30 9.41 -5.19
N HIS A 112 -3.10 9.32 -4.61
CA HIS A 112 -2.94 8.78 -3.27
C HIS A 112 -2.72 9.85 -2.21
N GLN A 113 -2.77 11.13 -2.60
CA GLN A 113 -2.37 12.18 -1.68
C GLN A 113 -3.24 12.26 -0.43
N ARG A 114 -4.54 12.03 -0.56
CA ARG A 114 -5.41 12.13 0.62
C ARG A 114 -5.09 11.03 1.63
N LEU A 115 -4.91 9.79 1.16
CA LEU A 115 -4.50 8.70 2.03
C LEU A 115 -3.17 9.01 2.72
N ILE A 116 -2.20 9.46 1.95
CA ILE A 116 -0.90 9.80 2.51
C ILE A 116 -1.04 10.91 3.56
N ARG A 117 -1.81 11.95 3.22
CA ARG A 117 -2.05 13.06 4.14
C ARG A 117 -2.65 12.56 5.44
N ASP A 118 -3.61 11.65 5.35
CA ASP A 118 -4.24 11.16 6.57
C ASP A 118 -3.22 10.43 7.46
N LEU A 119 -2.32 9.69 6.83
CA LEU A 119 -1.31 8.94 7.57
C LEU A 119 -0.29 9.88 8.20
N VAL A 120 0.09 10.92 7.47
CA VAL A 120 1.02 11.92 8.00
C VAL A 120 0.40 12.71 9.16
N VAL A 121 -0.79 13.26 8.94
CA VAL A 121 -1.40 14.08 9.98
C VAL A 121 -1.70 13.26 11.23
N GLY A 122 -2.11 12.00 11.02
CA GLY A 122 -2.47 11.13 12.11
C GLY A 122 -1.29 10.54 12.86
N SER A 123 -0.10 10.55 12.25
CA SER A 123 1.08 9.97 12.89
C SER A 123 2.07 11.00 13.38
N GLY A 124 2.06 12.19 12.76
CA GLY A 124 3.06 13.20 13.06
C GLY A 124 4.41 12.87 12.46
N ALA A 125 4.45 11.84 11.61
CA ALA A 125 5.67 11.42 10.95
C ALA A 125 5.67 11.85 9.50
N VAL A 126 6.86 11.91 8.91
CA VAL A 126 7.00 12.32 7.52
C VAL A 126 6.81 11.12 6.60
N ALA A 127 6.05 11.28 5.52
CA ALA A 127 5.93 10.24 4.50
C ALA A 127 6.88 10.52 3.36
N VAL A 128 7.56 9.48 2.87
CA VAL A 128 8.36 9.61 1.67
C VAL A 128 7.73 8.73 0.58
N TYR A 129 6.95 9.36 -0.29
CA TYR A 129 6.34 8.68 -1.43
C TYR A 129 7.43 8.40 -2.46
N VAL A 130 7.46 7.18 -2.99
CA VAL A 130 8.45 6.81 -4.00
C VAL A 130 7.77 6.64 -5.36
N ASP A 131 8.25 7.37 -6.37
CA ASP A 131 7.60 7.33 -7.67
C ASP A 131 8.18 6.18 -8.47
N TYR A 132 7.82 4.95 -8.11
CA TYR A 132 8.33 3.78 -8.82
C TYR A 132 7.78 3.70 -10.24
N THR A 133 8.51 3.02 -11.12
CA THR A 133 8.07 2.88 -12.51
C THR A 133 6.86 1.95 -12.61
N PRO A 134 5.77 2.43 -13.24
CA PRO A 134 4.55 1.62 -13.39
C PRO A 134 4.76 0.44 -14.34
N SER A 135 3.82 -0.50 -14.32
CA SER A 135 3.78 -1.57 -15.30
C SER A 135 2.68 -1.20 -16.28
N PRO A 136 2.78 -1.67 -17.53
CA PRO A 136 3.80 -2.58 -18.08
C PRO A 136 5.05 -1.89 -18.59
N GLU A 137 5.17 -0.57 -18.40
CA GLU A 137 6.39 0.15 -18.80
C GLU A 137 7.64 -0.51 -18.22
N SER A 138 7.53 -0.93 -16.96
CA SER A 138 8.53 -1.82 -16.36
C SER A 138 7.84 -3.07 -15.82
N HIS A 139 8.63 -4.10 -15.56
CA HIS A 139 8.13 -5.33 -14.95
C HIS A 139 8.91 -5.64 -13.69
N TYR A 140 8.40 -6.57 -12.89
CA TYR A 140 9.13 -7.08 -11.73
C TYR A 140 10.53 -7.48 -12.21
N PRO A 141 11.56 -7.14 -11.41
CA PRO A 141 11.51 -6.54 -10.08
C PRO A 141 11.90 -5.07 -10.07
N THR A 142 11.63 -4.36 -11.16
CA THR A 142 12.10 -2.98 -11.27
C THR A 142 11.62 -2.08 -10.13
N ALA A 143 10.31 -2.08 -9.90
CA ALA A 143 9.72 -1.18 -8.91
C ALA A 143 10.15 -1.53 -7.49
N ILE A 144 10.23 -2.82 -7.16
CA ILE A 144 10.66 -3.16 -5.79
C ILE A 144 12.13 -2.82 -5.57
N ASN A 145 12.95 -2.89 -6.62
CA ASN A 145 14.35 -2.48 -6.48
C ASN A 145 14.47 -0.97 -6.27
N GLN A 146 13.63 -0.18 -6.95
CA GLN A 146 13.59 1.25 -6.73
C GLN A 146 13.09 1.54 -5.33
N ALA A 147 12.04 0.83 -4.93
CA ALA A 147 11.48 1.02 -3.59
C ALA A 147 12.50 0.75 -2.49
N TYR A 148 13.23 -0.34 -2.60
CA TYR A 148 14.27 -0.64 -1.61
C TYR A 148 15.39 0.41 -1.64
N ALA A 149 15.84 0.76 -2.84
CA ALA A 149 16.93 1.72 -2.99
C ALA A 149 16.59 3.05 -2.30
N ALA A 150 15.35 3.48 -2.47
CA ALA A 150 14.88 4.73 -1.87
C ALA A 150 14.80 4.62 -0.36
N THR A 151 14.42 3.43 0.12
CA THR A 151 14.34 3.18 1.56
C THR A 151 15.74 3.23 2.19
N GLN A 152 16.71 2.59 1.55
CA GLN A 152 18.09 2.66 2.04
C GLN A 152 18.62 4.10 1.98
N TRP A 153 18.24 4.84 0.93
CA TRP A 153 18.70 6.23 0.79
C TRP A 153 18.18 7.10 1.94
N VAL A 154 16.90 6.95 2.26
CA VAL A 154 16.34 7.73 3.36
C VAL A 154 17.03 7.40 4.67
N ALA A 155 17.36 6.13 4.88
CA ALA A 155 18.02 5.73 6.13
C ALA A 155 19.37 6.44 6.27
N GLU A 156 20.08 6.56 5.15
CA GLU A 156 21.44 7.12 5.13
C GLU A 156 21.45 8.65 5.04
N HIS A 157 20.49 9.21 4.35
CA HIS A 157 20.52 10.64 3.99
C HIS A 157 19.36 11.44 4.57
N GLY A 158 18.70 10.89 5.58
CA GLY A 158 17.49 11.50 6.13
C GLY A 158 17.63 12.97 6.51
N LYS A 159 18.78 13.33 7.05
CA LYS A 159 19.03 14.72 7.45
C LYS A 159 18.76 15.70 6.30
N GLU A 160 19.01 15.27 5.07
CA GLU A 160 18.84 16.14 3.90
C GLU A 160 17.39 16.49 3.62
N ILE A 161 16.47 15.66 4.12
CA ILE A 161 15.04 15.92 3.93
C ILE A 161 14.31 16.07 5.27
N GLY A 162 15.07 16.40 6.31
CA GLY A 162 14.46 16.78 7.58
C GLY A 162 13.92 15.62 8.41
N VAL A 163 14.45 14.43 8.20
CA VAL A 163 14.00 13.28 8.97
C VAL A 163 15.12 12.53 9.67
N ASP A 164 14.74 11.78 10.69
CA ASP A 164 15.66 10.88 11.35
C ASP A 164 15.56 9.52 10.68
N GLY A 165 16.53 9.22 9.82
CA GLY A 165 16.52 7.97 9.06
C GLY A 165 16.68 6.71 9.89
N LYS A 166 17.03 6.86 11.17
CA LYS A 166 17.18 5.71 12.06
C LYS A 166 15.83 5.27 12.62
N ARG A 167 14.80 6.10 12.41
CA ARG A 167 13.45 5.76 12.84
C ARG A 167 12.58 5.71 11.60
N LEU A 168 12.59 4.54 10.98
CA LEU A 168 12.09 4.38 9.61
C LEU A 168 11.12 3.21 9.51
N ALA A 169 9.94 3.47 8.91
CA ALA A 169 8.95 2.44 8.72
C ALA A 169 8.66 2.33 7.23
N VAL A 170 7.95 1.27 6.83
CA VAL A 170 7.49 1.15 5.45
C VAL A 170 5.97 0.97 5.50
N ALA A 171 5.29 1.53 4.51
CA ALA A 171 3.82 1.49 4.47
C ALA A 171 3.36 1.47 3.03
N GLY A 172 2.20 0.88 2.79
CA GLY A 172 1.56 1.00 1.49
C GLY A 172 0.23 0.29 1.42
N ASN A 173 -0.56 0.63 0.40
CA ASN A 173 -1.88 0.01 0.22
C ASN A 173 -1.87 -0.89 -0.99
N SER A 174 -2.54 -2.04 -0.88
CA SER A 174 -2.76 -2.92 -2.04
C SER A 174 -1.43 -3.46 -2.54
N VAL A 175 -1.12 -3.28 -3.83
CA VAL A 175 0.20 -3.69 -4.32
C VAL A 175 1.32 -2.90 -3.63
N GLY A 176 0.97 -1.74 -3.07
CA GLY A 176 1.91 -0.97 -2.27
C GLY A 176 2.18 -1.63 -0.94
N GLY A 177 1.19 -2.36 -0.43
CA GLY A 177 1.36 -3.20 0.74
C GLY A 177 2.27 -4.38 0.44
N ASN A 178 2.09 -4.97 -0.74
CA ASN A 178 3.03 -5.97 -1.26
C ASN A 178 4.44 -5.38 -1.24
N MET A 179 4.56 -4.18 -1.78
CA MET A 179 5.86 -3.52 -1.90
C MET A 179 6.48 -3.26 -0.53
N ALA A 180 5.68 -2.79 0.42
CA ALA A 180 6.21 -2.56 1.77
C ALA A 180 6.70 -3.87 2.39
N ALA A 181 5.91 -4.92 2.27
CA ALA A 181 6.30 -6.22 2.82
C ALA A 181 7.61 -6.72 2.20
N VAL A 182 7.70 -6.56 0.88
CA VAL A 182 8.86 -7.03 0.13
C VAL A 182 10.11 -6.18 0.43
N VAL A 183 9.93 -4.87 0.60
CA VAL A 183 11.05 -4.02 0.99
C VAL A 183 11.57 -4.45 2.36
N ALA A 184 10.66 -4.79 3.27
CA ALA A 184 11.08 -5.31 4.58
C ALA A 184 11.90 -6.60 4.44
N LEU A 185 11.47 -7.49 3.55
CA LEU A 185 12.26 -8.70 3.28
C LEU A 185 13.61 -8.40 2.64
N LYS A 186 13.63 -7.43 1.73
CA LYS A 186 14.88 -7.06 1.08
C LYS A 186 15.84 -6.42 2.07
N ALA A 187 15.31 -5.64 3.00
CA ALA A 187 16.14 -5.02 4.04
C ALA A 187 16.72 -6.10 4.94
N LYS A 188 15.96 -7.15 5.23
CA LYS A 188 16.49 -8.25 6.02
C LYS A 188 17.62 -8.96 5.26
N GLU A 189 17.37 -9.26 4.00
CA GLU A 189 18.34 -9.94 3.15
C GLU A 189 19.63 -9.12 3.01
N ALA A 190 19.48 -7.80 2.92
CA ALA A 190 20.63 -6.92 2.73
C ALA A 190 21.30 -6.53 4.06
N GLY A 191 20.63 -6.84 5.16
CA GLY A 191 21.13 -6.45 6.47
C GLY A 191 21.01 -4.98 6.78
N THR A 192 20.25 -4.25 5.95
CA THR A 192 20.11 -2.80 6.11
C THR A 192 19.00 -2.32 5.19
N PRO A 193 18.28 -1.25 5.58
CA PRO A 193 18.37 -0.51 6.84
C PRO A 193 17.50 -1.12 7.93
N ALA A 194 17.71 -0.71 9.17
CA ALA A 194 16.85 -1.13 10.26
C ALA A 194 15.48 -0.48 10.08
N LEU A 195 14.42 -1.26 10.28
CA LEU A 195 13.05 -0.77 10.15
C LEU A 195 12.31 -0.94 11.46
N ARG A 196 11.54 0.08 11.84
CA ARG A 196 10.74 0.05 13.05
C ARG A 196 9.40 -0.68 12.90
N PHE A 197 8.86 -0.72 11.68
CA PHE A 197 7.44 -1.04 11.53
C PHE A 197 7.11 -1.24 10.07
N GLN A 198 6.19 -2.16 9.78
CA GLN A 198 5.63 -2.27 8.43
C GLN A 198 4.11 -2.15 8.52
N LEU A 199 3.57 -1.17 7.80
CA LEU A 199 2.13 -0.95 7.75
C LEU A 199 1.59 -1.51 6.44
N LEU A 200 0.87 -2.62 6.52
CA LEU A 200 0.39 -3.30 5.31
C LEU A 200 -1.11 -3.10 5.18
N LEU A 201 -1.51 -2.20 4.30
CA LEU A 201 -2.92 -1.86 4.16
C LEU A 201 -3.49 -2.70 3.03
N TRP A 202 -4.38 -3.62 3.37
CA TRP A 202 -5.01 -4.56 2.42
C TRP A 202 -4.06 -5.04 1.32
N PRO A 203 -2.96 -5.71 1.70
CA PRO A 203 -1.88 -6.06 0.76
C PRO A 203 -2.19 -7.21 -0.19
N VAL A 204 -1.56 -7.16 -1.35
CA VAL A 204 -1.45 -8.32 -2.23
C VAL A 204 -0.27 -9.13 -1.71
N THR A 205 -0.43 -10.45 -1.53
CA THR A 205 0.69 -11.22 -0.98
C THR A 205 1.02 -12.51 -1.75
N ASP A 206 0.20 -12.88 -2.72
CA ASP A 206 0.39 -14.15 -3.41
C ASP A 206 -0.15 -14.13 -4.84
N ALA A 207 0.66 -14.56 -5.80
CA ALA A 207 0.21 -14.64 -7.19
C ALA A 207 -0.56 -15.94 -7.43
N SER A 208 -1.64 -16.10 -6.67
CA SER A 208 -2.55 -17.23 -6.87
C SER A 208 -3.96 -16.72 -6.60
N PHE A 209 -4.95 -17.43 -7.11
CA PHE A 209 -6.30 -16.87 -7.16
C PHE A 209 -7.37 -17.81 -6.67
N GLU A 210 -7.00 -18.69 -5.73
CA GLU A 210 -7.89 -19.78 -5.29
C GLU A 210 -8.31 -19.71 -3.83
N THR A 211 -8.03 -18.61 -3.15
CA THR A 211 -8.47 -18.48 -1.76
C THR A 211 -9.98 -18.36 -1.71
N ALA A 212 -10.57 -18.62 -0.54
CA ALA A 212 -12.01 -18.54 -0.37
C ALA A 212 -12.52 -17.13 -0.69
N SER A 213 -11.77 -16.12 -0.27
CA SER A 213 -12.20 -14.76 -0.56
C SER A 213 -12.15 -14.44 -2.06
N TYR A 214 -11.15 -14.97 -2.78
CA TYR A 214 -11.10 -14.76 -4.23
C TYR A 214 -12.35 -15.34 -4.88
N LYS A 215 -12.79 -16.49 -4.39
CA LYS A 215 -13.95 -17.15 -4.97
C LYS A 215 -15.22 -16.40 -4.63
N GLN A 216 -15.32 -15.94 -3.38
CA GLN A 216 -16.55 -15.29 -2.92
C GLN A 216 -16.78 -13.90 -3.54
N PHE A 217 -15.71 -13.14 -3.71
CA PHE A 217 -15.85 -11.74 -4.08
C PHE A 217 -15.33 -11.44 -5.49
N ALA A 218 -15.36 -12.45 -6.35
CA ALA A 218 -14.82 -12.35 -7.72
C ALA A 218 -15.33 -11.15 -8.50
N ASP A 219 -16.60 -10.80 -8.29
CA ASP A 219 -17.20 -9.65 -8.95
CA ASP A 219 -17.10 -9.58 -8.90
C ASP A 219 -18.07 -8.86 -7.97
N GLY A 220 -18.50 -7.68 -8.39
CA GLY A 220 -19.47 -6.92 -7.62
C GLY A 220 -18.97 -6.13 -6.42
N HIS A 221 -17.67 -6.22 -6.13
CA HIS A 221 -17.11 -5.55 -4.96
C HIS A 221 -15.92 -4.67 -5.33
N PHE A 222 -16.04 -3.98 -6.46
CA PHE A 222 -15.07 -2.98 -6.94
C PHE A 222 -13.79 -3.58 -7.52
N LEU A 223 -12.95 -4.18 -6.68
CA LEU A 223 -11.80 -4.94 -7.16
C LEU A 223 -12.27 -6.33 -7.56
N THR A 224 -12.07 -6.69 -8.83
CA THR A 224 -12.53 -7.99 -9.31
C THR A 224 -11.36 -8.93 -9.53
N THR A 225 -11.65 -10.22 -9.61
CA THR A 225 -10.63 -11.20 -9.95
C THR A 225 -10.02 -10.89 -11.32
N GLY A 226 -10.86 -10.48 -12.26
CA GLY A 226 -10.39 -10.09 -13.59
C GLY A 226 -9.36 -8.97 -13.52
N MET A 227 -9.59 -7.99 -12.65
CA MET A 227 -8.62 -6.91 -12.49
C MET A 227 -7.32 -7.43 -11.90
N MET A 228 -7.41 -8.28 -10.89
CA MET A 228 -6.19 -8.79 -10.24
C MET A 228 -5.32 -9.60 -11.19
N LYS A 229 -5.95 -10.37 -12.07
CA LYS A 229 -5.16 -11.17 -12.99
C LYS A 229 -4.48 -10.27 -14.02
N TRP A 230 -5.19 -9.23 -14.44
CA TRP A 230 -4.63 -8.25 -15.36
C TRP A 230 -3.48 -7.48 -14.70
N PHE A 231 -3.65 -7.08 -13.45
CA PHE A 231 -2.60 -6.39 -12.70
C PHE A 231 -1.35 -7.26 -12.65
N TRP A 232 -1.52 -8.51 -12.22
CA TRP A 232 -0.38 -9.43 -12.14
C TRP A 232 0.25 -9.65 -13.52
N ASP A 233 -0.57 -9.81 -14.56
CA ASP A 233 -0.03 -10.01 -15.92
C ASP A 233 0.81 -8.83 -16.37
N ASN A 234 0.36 -7.61 -16.09
CA ASN A 234 1.15 -6.43 -16.45
C ASN A 234 2.45 -6.35 -15.66
N TYR A 235 2.41 -6.78 -14.41
CA TYR A 235 3.59 -6.75 -13.54
C TYR A 235 4.65 -7.73 -14.03
N THR A 236 4.27 -8.99 -14.19
CA THR A 236 5.13 -10.00 -14.81
C THR A 236 4.35 -11.26 -15.19
N THR A 237 4.63 -11.80 -16.38
CA THR A 237 4.05 -13.08 -16.78
C THR A 237 5.02 -14.25 -16.57
N ASP A 238 6.21 -13.94 -16.04
CA ASP A 238 7.21 -14.97 -15.71
C ASP A 238 6.74 -15.77 -14.50
N ALA A 239 6.36 -17.03 -14.70
CA ALA A 239 5.83 -17.85 -13.61
C ALA A 239 6.87 -18.07 -12.50
N LYS A 240 8.13 -18.19 -12.90
CA LYS A 240 9.21 -18.34 -11.94
C LYS A 240 9.41 -17.09 -11.07
N ALA A 241 9.22 -15.92 -11.67
CA ALA A 241 9.33 -14.69 -10.90
C ALA A 241 8.21 -14.63 -9.86
N ARG A 242 7.01 -15.06 -10.25
CA ARG A 242 5.84 -15.00 -9.38
C ARG A 242 6.00 -15.90 -8.16
N GLU A 243 6.83 -16.93 -8.29
CA GLU A 243 7.05 -17.85 -7.18
C GLU A 243 8.09 -17.33 -6.19
N GLN A 244 8.82 -16.29 -6.56
CA GLN A 244 9.83 -15.73 -5.66
C GLN A 244 9.16 -14.99 -4.51
N ILE A 245 9.80 -14.97 -3.35
CA ILE A 245 9.18 -14.34 -2.17
C ILE A 245 9.08 -12.82 -2.33
N TYR A 246 9.87 -12.27 -3.26
CA TYR A 246 9.83 -10.84 -3.51
C TYR A 246 8.69 -10.44 -4.43
N ALA A 247 8.00 -11.45 -4.97
CA ALA A 247 6.76 -11.21 -5.70
C ALA A 247 5.59 -11.67 -4.85
N SER A 248 5.69 -12.89 -4.33
CA SER A 248 4.65 -13.49 -3.51
C SER A 248 5.18 -13.79 -2.12
N PRO A 249 5.18 -12.79 -1.22
CA PRO A 249 5.81 -13.01 0.09
C PRO A 249 5.12 -14.07 0.95
N LEU A 250 3.86 -14.40 0.63
CA LEU A 250 3.18 -15.48 1.35
C LEU A 250 3.93 -16.79 1.21
N ARG A 251 4.74 -16.92 0.15
CA ARG A 251 5.46 -18.16 -0.10
CA ARG A 251 5.46 -18.16 -0.09
C ARG A 251 6.73 -18.28 0.74
N ALA A 252 7.04 -17.26 1.52
CA ALA A 252 8.25 -17.31 2.36
C ALA A 252 8.08 -18.34 3.49
N SER A 253 9.18 -18.96 3.89
CA SER A 253 9.16 -19.90 5.00
C SER A 253 9.25 -19.14 6.31
N SER A 254 9.00 -19.82 7.44
CA SER A 254 9.15 -19.17 8.74
C SER A 254 10.56 -18.62 8.93
N GLU A 255 11.55 -19.39 8.47
CA GLU A 255 12.93 -18.94 8.60
C GLU A 255 13.18 -17.66 7.80
N GLN A 256 12.55 -17.56 6.63
CA GLN A 256 12.74 -16.38 5.79
C GLN A 256 12.06 -15.15 6.38
N LEU A 257 10.99 -15.37 7.14
CA LEU A 257 10.26 -14.26 7.75
C LEU A 257 10.79 -13.85 9.13
N LYS A 258 11.61 -14.70 9.73
CA LYS A 258 12.12 -14.45 11.08
C LYS A 258 12.87 -13.12 11.16
N GLY A 259 12.55 -12.31 12.18
CA GLY A 259 13.26 -11.08 12.43
C GLY A 259 12.74 -9.84 11.70
N LEU A 260 11.66 -10.00 10.95
CA LEU A 260 11.04 -8.86 10.28
C LEU A 260 10.45 -7.90 11.31
N PRO A 261 10.29 -6.61 10.93
CA PRO A 261 9.77 -5.61 11.86
C PRO A 261 8.30 -5.84 12.20
N PRO A 262 7.86 -5.31 13.36
CA PRO A 262 6.46 -5.44 13.77
C PRO A 262 5.52 -4.91 12.68
N ALA A 263 4.37 -5.54 12.55
CA ALA A 263 3.46 -5.24 11.45
C ALA A 263 2.07 -4.90 11.96
N LEU A 264 1.39 -3.99 11.25
CA LEU A 264 -0.05 -3.87 11.34
C LEU A 264 -0.58 -4.21 9.97
N VAL A 265 -1.44 -5.22 9.91
CA VAL A 265 -2.06 -5.59 8.64
C VAL A 265 -3.55 -5.33 8.77
N GLN A 266 -4.09 -4.42 7.94
CA GLN A 266 -5.53 -4.23 7.90
C GLN A 266 -6.06 -4.93 6.66
N THR A 267 -7.12 -5.71 6.80
CA THR A 267 -7.73 -6.32 5.62
C THR A 267 -9.17 -5.85 5.52
N ALA A 268 -9.74 -5.97 4.32
CA ALA A 268 -11.13 -5.59 4.11
C ALA A 268 -11.97 -6.87 4.06
N GLU A 269 -13.15 -6.85 4.68
CA GLU A 269 -13.99 -8.06 4.70
C GLU A 269 -14.39 -8.48 3.30
N PHE A 270 -14.78 -7.52 2.48
CA PHE A 270 -15.32 -7.84 1.15
C PHE A 270 -14.30 -7.55 0.08
N ASP A 271 -13.28 -8.41 0.00
CA ASP A 271 -12.08 -8.16 -0.79
C ASP A 271 -11.50 -9.50 -1.22
N VAL A 272 -11.28 -9.71 -2.51
CA VAL A 272 -10.68 -10.97 -2.95
C VAL A 272 -9.33 -11.20 -2.26
N LEU A 273 -8.64 -10.13 -1.91
CA LEU A 273 -7.31 -10.23 -1.31
C LEU A 273 -7.31 -10.43 0.20
N ARG A 274 -8.51 -10.45 0.79
CA ARG A 274 -8.62 -10.56 2.24
C ARG A 274 -7.87 -11.76 2.79
N ASP A 275 -8.10 -12.94 2.23
CA ASP A 275 -7.57 -14.15 2.83
C ASP A 275 -6.04 -14.21 2.75
N GLU A 276 -5.47 -13.80 1.63
CA GLU A 276 -4.01 -13.86 1.52
C GLU A 276 -3.33 -12.83 2.42
N GLY A 277 -4.00 -11.70 2.68
CA GLY A 277 -3.46 -10.72 3.62
C GLY A 277 -3.46 -11.28 5.02
N GLU A 278 -4.57 -11.90 5.41
CA GLU A 278 -4.66 -12.48 6.74
C GLU A 278 -3.74 -13.69 6.89
N ALA A 279 -3.57 -14.43 5.81
CA ALA A 279 -2.65 -15.58 5.80
C ALA A 279 -1.21 -15.10 5.99
N TYR A 280 -0.85 -13.98 5.38
CA TYR A 280 0.49 -13.45 5.55
C TYR A 280 0.73 -13.03 6.99
N ALA A 281 -0.28 -12.40 7.60
CA ALA A 281 -0.17 -12.03 9.02
C ALA A 281 0.08 -13.28 9.86
N ARG A 282 -0.63 -14.36 9.53
CA ARG A 282 -0.45 -15.59 10.28
C ARG A 282 0.96 -16.16 10.12
N LYS A 283 1.50 -16.09 8.89
CA LYS A 283 2.86 -16.56 8.67
C LYS A 283 3.88 -15.73 9.45
N LEU A 284 3.69 -14.41 9.51
CA LEU A 284 4.59 -13.57 10.29
C LEU A 284 4.54 -13.97 11.77
N ASN A 285 3.32 -14.16 12.28
CA ASN A 285 3.13 -14.57 13.67
C ASN A 285 3.77 -15.92 13.98
N ALA A 286 3.60 -16.88 13.07
CA ALA A 286 4.19 -18.21 13.23
C ALA A 286 5.72 -18.15 13.23
N ALA A 287 6.25 -17.10 12.61
CA ALA A 287 7.70 -16.90 12.52
C ALA A 287 8.24 -16.05 13.67
N GLY A 288 7.37 -15.67 14.60
CA GLY A 288 7.80 -14.94 15.78
C GLY A 288 7.79 -13.42 15.63
N VAL A 289 7.36 -12.95 14.46
CA VAL A 289 7.24 -11.51 14.23
C VAL A 289 6.01 -10.99 14.96
N THR A 290 6.12 -9.82 15.57
CA THR A 290 4.99 -9.16 16.21
C THR A 290 4.01 -8.67 15.14
N VAL A 291 2.76 -9.11 15.22
CA VAL A 291 1.75 -8.70 14.24
C VAL A 291 0.43 -8.33 14.91
N THR A 292 -0.18 -7.26 14.42
CA THR A 292 -1.56 -6.95 14.74
C THR A 292 -2.28 -7.06 13.42
N SER A 293 -3.26 -7.95 13.35
CA SER A 293 -3.98 -8.21 12.11
C SER A 293 -5.44 -7.90 12.39
N VAL A 294 -5.97 -6.93 11.65
CA VAL A 294 -7.29 -6.41 11.89
CA VAL A 294 -7.33 -6.46 11.89
C VAL A 294 -8.14 -6.47 10.61
N ARG A 295 -9.30 -7.12 10.66
CA ARG A 295 -10.21 -7.16 9.52
C ARG A 295 -11.27 -6.07 9.70
N TYR A 296 -11.31 -5.12 8.77
CA TYR A 296 -12.36 -4.11 8.81
C TYR A 296 -13.59 -4.63 8.08
N ASN A 297 -14.60 -4.98 8.87
CA ASN A 297 -15.82 -5.54 8.32
C ASN A 297 -16.61 -4.47 7.58
N GLY A 298 -17.38 -4.90 6.58
CA GLY A 298 -18.17 -3.99 5.77
C GLY A 298 -17.41 -3.30 4.64
N MET A 299 -16.08 -3.42 4.63
CA MET A 299 -15.24 -2.65 3.70
C MET A 299 -14.92 -3.40 2.42
N ILE A 300 -14.65 -2.65 1.35
CA ILE A 300 -14.12 -3.20 0.12
C ILE A 300 -12.63 -2.85 -0.02
N HIS A 301 -11.95 -3.46 -0.98
CA HIS A 301 -10.55 -3.18 -1.22
C HIS A 301 -10.31 -1.68 -1.41
N ASP A 302 -9.17 -1.18 -0.94
CA ASP A 302 -8.82 0.23 -1.09
C ASP A 302 -9.82 1.18 -0.42
N TYR A 303 -10.47 0.72 0.65
CA TYR A 303 -11.40 1.59 1.39
C TYR A 303 -10.73 2.86 1.88
N GLY A 304 -9.44 2.77 2.19
CA GLY A 304 -8.69 3.95 2.66
C GLY A 304 -8.13 4.81 1.55
N LEU A 305 -8.15 4.32 0.32
CA LEU A 305 -7.67 5.08 -0.83
C LEU A 305 -8.79 5.90 -1.47
N LEU A 306 -9.89 5.24 -1.79
CA LEU A 306 -10.93 5.84 -2.60
C LEU A 306 -11.57 7.08 -1.96
N ASN A 307 -11.39 8.23 -2.60
CA ASN A 307 -11.91 9.46 -2.01
C ASN A 307 -13.42 9.49 -1.76
N PRO A 308 -14.23 8.84 -2.62
CA PRO A 308 -15.67 8.80 -2.31
C PRO A 308 -16.00 8.08 -1.00
N LEU A 309 -15.05 7.31 -0.46
CA LEU A 309 -15.28 6.59 0.80
C LEU A 309 -14.55 7.23 1.98
N SER A 310 -13.89 8.36 1.76
CA SER A 310 -12.96 8.89 2.76
C SER A 310 -13.62 9.42 4.03
N GLN A 311 -14.93 9.67 3.98
CA GLN A 311 -15.66 10.15 5.16
C GLN A 311 -16.54 9.07 5.79
N VAL A 312 -16.48 7.85 5.26
CA VAL A 312 -17.20 6.72 5.86
C VAL A 312 -16.61 6.54 7.25
N PRO A 313 -17.46 6.47 8.29
CA PRO A 313 -16.91 6.41 9.65
C PRO A 313 -15.93 5.27 9.89
N ALA A 314 -16.20 4.06 9.40
CA ALA A 314 -15.25 2.96 9.58
C ALA A 314 -13.91 3.26 8.90
N VAL A 315 -13.95 3.99 7.79
CA VAL A 315 -12.71 4.35 7.09
C VAL A 315 -11.92 5.34 7.92
N LYS A 316 -12.61 6.32 8.50
CA LYS A 316 -11.92 7.28 9.35
C LYS A 316 -11.29 6.57 10.55
N ALA A 317 -12.01 5.61 11.11
CA ALA A 317 -11.48 4.87 12.25
C ALA A 317 -10.25 4.06 11.84
N ALA A 318 -10.31 3.44 10.66
CA ALA A 318 -9.16 2.67 10.19
C ALA A 318 -7.96 3.58 9.95
N MET A 319 -8.19 4.77 9.42
CA MET A 319 -7.09 5.70 9.17
C MET A 319 -6.53 6.26 10.47
N ARG A 320 -7.39 6.54 11.45
CA ARG A 320 -6.90 6.94 12.77
C ARG A 320 -5.97 5.87 13.34
N GLN A 321 -6.38 4.60 13.22
CA GLN A 321 -5.55 3.50 13.73
C GLN A 321 -4.22 3.40 12.99
N ALA A 322 -4.25 3.50 11.67
CA ALA A 322 -3.03 3.39 10.89
C ALA A 322 -2.02 4.48 11.29
N GLY A 323 -2.51 5.70 11.45
CA GLY A 323 -1.63 6.80 11.86
C GLY A 323 -1.09 6.62 13.27
N THR A 324 -1.96 6.20 14.18
CA THR A 324 -1.56 6.00 15.57
C THR A 324 -0.51 4.90 15.68
N GLU A 325 -0.68 3.82 14.92
CA GLU A 325 0.27 2.72 15.04
C GLU A 325 1.64 3.10 14.45
N LEU A 326 1.63 3.89 13.38
CA LEU A 326 2.89 4.47 12.88
C LEU A 326 3.55 5.27 14.00
N LYS A 327 2.78 6.15 14.63
CA LYS A 327 3.31 7.02 15.67
C LYS A 327 3.92 6.22 16.83
N VAL A 328 3.19 5.21 17.30
CA VAL A 328 3.63 4.37 18.40
C VAL A 328 4.98 3.70 18.14
N HIS A 329 5.20 3.29 16.89
CA HIS A 329 6.42 2.55 16.55
C HIS A 329 7.58 3.43 16.09
N LEU A 330 7.34 4.73 15.98
CA LEU A 330 8.37 5.65 15.49
C LEU A 330 8.89 6.61 16.56
N GLN A 331 8.58 6.33 17.82
CA GLN A 331 9.03 7.17 18.94
C GLN A 331 10.52 7.04 19.22
N LEU A 332 11.08 8.06 19.86
CA LEU A 332 12.43 7.95 20.39
C LEU A 332 12.48 6.80 21.39
N GLU A 333 13.57 6.02 21.33
CA GLU A 333 13.74 4.75 22.05
C GLU A 333 12.51 4.08 22.70
C1 MPD B . -8.52 0.73 -6.52
C2 MPD B . -8.09 0.11 -7.83
O2 MPD B . -6.71 0.49 -8.06
CM MPD B . -8.18 -1.39 -7.63
C3 MPD B . -8.96 0.56 -9.01
C4 MPD B . -8.93 2.05 -9.33
O4 MPD B . -9.60 2.28 -10.56
C5 MPD B . -9.68 2.86 -8.31
C1 PEG C . 0.87 13.82 15.85
O1 PEG C . 1.43 14.49 16.99
C2 PEG C . -0.64 13.44 16.10
O2 PEG C . -0.68 12.13 16.73
C3 PEG C . -2.00 11.58 16.89
C4 PEG C . -2.13 11.00 18.30
O4 PEG C . -2.36 9.60 18.23
#